data_7KWC
#
_entry.id   7KWC
#
_cell.length_a   80.689
_cell.length_b   80.689
_cell.length_c   86.027
_cell.angle_alpha   90.000
_cell.angle_beta   90.000
_cell.angle_gamma   90.000
#
_symmetry.space_group_name_H-M   'P 43 21 2'
#
loop_
_entity.id
_entity.type
_entity.pdbx_description
1 polymer BtSGBP-B_31-285
2 water water
#
_entity_poly.entity_id   1
_entity_poly.type   'polypeptide(L)'
_entity_poly.pdbx_seq_one_letter_code
;MKKIYKQISGALLMLTLILNITACSPESFTSPNEAGIPVVSDYEDCIRIDVNQETNYVTFSFQGQKGVMPIWIIDGKNYS
SSFNMTKYYRKAGDYSVEVKIANSNGVSDRAITRNFHIDKTIMTGFGGFDPESNFNIWRTATISEPTFWYAPGWSQIADP
AYSLVNGTYTVTLPEATSETWQAQMPIKTNIATDAGKNYDFSVILTSTIDHPNVTVKLVDATEDKIYYFEGKTPLVANEP
VCFWKSNMPGLDIANLNLVFDFGGNAAGTVMTIESIVLKDHANDD
;
_entity_poly.pdbx_strand_id   AAA
#
# COMPACT_ATOMS: atom_id res chain seq x y z
N ILE A 37 17.22 -14.80 18.22
CA ILE A 37 15.89 -14.23 17.80
C ILE A 37 15.61 -12.95 18.58
N PRO A 38 14.96 -11.93 17.96
CA PRO A 38 14.58 -10.72 18.68
C PRO A 38 13.60 -10.97 19.84
N VAL A 39 13.84 -10.33 20.98
CA VAL A 39 12.89 -10.27 22.14
C VAL A 39 12.05 -8.99 21.96
N VAL A 40 10.73 -9.14 21.83
CA VAL A 40 9.81 -8.11 21.26
C VAL A 40 9.71 -6.90 22.19
N SER A 41 9.79 -7.11 23.51
CA SER A 41 9.68 -6.06 24.56
C SER A 41 10.78 -4.99 24.36
N ASP A 42 11.94 -5.39 23.81
CA ASP A 42 13.12 -4.51 23.59
C ASP A 42 12.82 -3.44 22.52
N TYR A 43 11.76 -3.62 21.73
CA TYR A 43 11.44 -2.78 20.55
C TYR A 43 10.10 -2.05 20.72
N GLU A 44 9.66 -1.82 21.96
CA GLU A 44 8.42 -1.07 22.29
C GLU A 44 8.63 0.41 21.97
N ASP A 45 9.84 0.94 22.24
CA ASP A 45 10.19 2.37 22.03
C ASP A 45 10.35 2.67 20.54
N CYS A 46 10.56 1.65 19.70
CA CYS A 46 10.85 1.78 18.24
C CYS A 46 9.56 1.74 17.41
N ILE A 47 8.43 1.37 18.02
CA ILE A 47 7.10 1.24 17.34
C ILE A 47 6.24 2.46 17.68
N ARG A 48 5.76 3.17 16.65
CA ARG A 48 4.86 4.35 16.79
C ARG A 48 3.63 4.18 15.90
N ILE A 49 2.44 4.48 16.45
CA ILE A 49 1.13 4.48 15.74
C ILE A 49 0.63 5.93 15.66
N ASP A 50 0.48 6.48 14.45
CA ASP A 50 0.02 7.87 14.21
C ASP A 50 -1.39 7.82 13.59
N VAL A 51 -2.42 8.21 14.35
CA VAL A 51 -3.83 8.34 13.88
C VAL A 51 -4.08 9.81 13.50
N ASN A 52 -4.30 10.07 12.21
CA ASN A 52 -4.75 11.39 11.68
C ASN A 52 -6.28 11.38 11.66
N GLN A 53 -6.90 12.06 12.63
CA GLN A 53 -8.37 12.02 12.89
C GLN A 53 -9.12 12.81 11.80
N GLU A 54 -8.41 13.64 11.02
CA GLU A 54 -8.99 14.51 9.97
C GLU A 54 -9.05 13.77 8.63
N THR A 55 -8.16 12.79 8.42
CA THR A 55 -8.03 12.01 7.15
C THR A 55 -8.44 10.54 7.34
N ASN A 56 -8.39 10.02 8.57
CA ASN A 56 -8.71 8.61 8.94
C ASN A 56 -7.64 7.67 8.36
N TYR A 57 -6.41 8.15 8.18
CA TYR A 57 -5.22 7.36 7.78
C TYR A 57 -4.33 7.14 9.01
N VAL A 58 -4.16 5.87 9.41
CA VAL A 58 -3.28 5.45 10.54
C VAL A 58 -1.94 4.99 9.97
N THR A 59 -0.85 5.68 10.31
CA THR A 59 0.53 5.35 9.88
C THR A 59 1.21 4.50 10.97
N PHE A 60 1.65 3.30 10.59
CA PHE A 60 2.41 2.34 11.44
C PHE A 60 3.88 2.43 11.04
N SER A 61 4.78 2.70 11.99
CA SER A 61 6.22 2.98 11.72
C SER A 61 7.12 2.22 12.71
N PHE A 62 8.29 1.80 12.23
CA PHE A 62 9.37 1.15 13.01
C PHE A 62 10.73 1.71 12.58
N GLN A 63 11.59 2.01 13.56
CA GLN A 63 13.01 2.43 13.36
C GLN A 63 13.92 1.25 13.74
N GLY A 64 14.78 0.79 12.83
CA GLY A 64 15.66 -0.37 13.04
C GLY A 64 16.91 -0.33 12.19
N GLN A 65 17.68 -1.42 12.21
CA GLN A 65 18.99 -1.59 11.53
C GLN A 65 18.76 -2.23 10.15
N LYS A 66 19.77 -2.19 9.28
CA LYS A 66 19.75 -2.81 7.93
C LYS A 66 19.82 -4.34 8.09
N GLY A 67 18.69 -4.97 8.40
CA GLY A 67 18.58 -6.42 8.68
C GLY A 67 17.36 -6.75 9.52
N VAL A 68 17.07 -5.91 10.53
CA VAL A 68 15.89 -6.03 11.44
C VAL A 68 14.68 -5.41 10.73
N MET A 69 13.48 -5.91 11.02
CA MET A 69 12.21 -5.46 10.37
C MET A 69 11.01 -5.84 11.25
N PRO A 70 9.91 -5.07 11.20
CA PRO A 70 8.67 -5.45 11.88
C PRO A 70 7.80 -6.35 10.98
N ILE A 71 6.84 -7.06 11.58
CA ILE A 71 5.74 -7.77 10.87
C ILE A 71 4.41 -7.27 11.44
N TRP A 72 3.72 -6.42 10.67
CA TRP A 72 2.41 -5.82 11.05
C TRP A 72 1.30 -6.84 10.84
N ILE A 73 0.60 -7.21 11.92
CA ILE A 73 -0.44 -8.28 11.93
C ILE A 73 -1.78 -7.67 12.36
N ILE A 74 -2.78 -7.70 11.47
CA ILE A 74 -4.19 -7.28 11.73
C ILE A 74 -5.12 -8.46 11.38
N ASP A 75 -6.04 -8.80 12.29
CA ASP A 75 -7.03 -9.89 12.13
C ASP A 75 -6.31 -11.23 11.91
N GLY A 76 -5.15 -11.41 12.54
CA GLY A 76 -4.33 -12.64 12.48
C GLY A 76 -3.80 -12.92 11.09
N LYS A 77 -3.46 -11.88 10.32
CA LYS A 77 -2.87 -11.98 8.96
C LYS A 77 -1.72 -10.99 8.82
N ASN A 78 -0.62 -11.39 8.17
CA ASN A 78 0.54 -10.52 7.85
C ASN A 78 0.11 -9.50 6.80
N TYR A 79 0.14 -8.20 7.15
CA TYR A 79 -0.29 -7.06 6.29
C TYR A 79 0.93 -6.46 5.57
N SER A 80 2.06 -6.35 6.27
CA SER A 80 3.32 -5.76 5.74
C SER A 80 4.50 -6.12 6.64
N SER A 81 5.69 -6.26 6.05
CA SER A 81 6.99 -6.45 6.75
C SER A 81 7.88 -5.23 6.53
N SER A 82 7.34 -4.16 5.93
CA SER A 82 8.04 -2.89 5.63
C SER A 82 8.16 -2.05 6.92
N PHE A 83 9.07 -1.07 6.92
CA PHE A 83 9.39 -0.22 8.10
C PHE A 83 8.20 0.69 8.44
N ASN A 84 7.36 1.01 7.46
CA ASN A 84 6.10 1.78 7.69
C ASN A 84 5.05 1.41 6.62
N MET A 85 3.78 1.49 7.00
CA MET A 85 2.59 1.36 6.10
C MET A 85 1.50 2.34 6.57
N THR A 86 0.63 2.77 5.66
CA THR A 86 -0.53 3.66 5.93
C THR A 86 -1.82 2.92 5.56
N LYS A 87 -2.79 2.86 6.49
CA LYS A 87 -4.06 2.10 6.32
C LYS A 87 -5.25 3.05 6.55
N TYR A 88 -6.22 3.04 5.62
CA TYR A 88 -7.46 3.85 5.68
C TYR A 88 -8.52 3.10 6.48
N TYR A 89 -9.01 3.74 7.55
CA TYR A 89 -10.10 3.23 8.44
C TYR A 89 -11.34 4.11 8.25
N ARG A 90 -12.24 3.68 7.36
CA ARG A 90 -13.45 4.43 6.93
C ARG A 90 -14.38 4.68 8.14
N LYS A 91 -14.70 3.62 8.88
CA LYS A 91 -15.65 3.65 10.03
C LYS A 91 -14.91 4.05 11.32
N ALA A 92 -15.61 4.71 12.24
CA ALA A 92 -15.14 5.06 13.59
C ALA A 92 -15.16 3.81 14.48
N GLY A 93 -14.37 3.80 15.55
CA GLY A 93 -14.34 2.72 16.57
C GLY A 93 -12.94 2.37 17.02
N ASP A 94 -12.83 1.36 17.89
CA ASP A 94 -11.56 0.84 18.46
C ASP A 94 -11.00 -0.24 17.52
N TYR A 95 -9.70 -0.16 17.21
CA TYR A 95 -8.97 -1.12 16.34
C TYR A 95 -7.65 -1.51 17.03
N SER A 96 -7.03 -2.61 16.55
CA SER A 96 -5.79 -3.20 17.12
C SER A 96 -4.82 -3.58 15.99
N VAL A 97 -3.52 -3.54 16.29
CA VAL A 97 -2.42 -4.09 15.45
C VAL A 97 -1.49 -4.92 16.34
N GLU A 98 -0.92 -5.99 15.80
CA GLU A 98 0.08 -6.84 16.50
C GLU A 98 1.40 -6.76 15.72
N VAL A 99 2.50 -6.46 16.41
CA VAL A 99 3.85 -6.22 15.81
C VAL A 99 4.82 -7.26 16.35
N LYS A 100 5.36 -8.12 15.47
CA LYS A 100 6.47 -9.05 15.75
C LYS A 100 7.74 -8.46 15.12
N ILE A 101 8.90 -8.69 15.74
CA ILE A 101 10.23 -8.22 15.25
C ILE A 101 10.99 -9.42 14.70
N ALA A 102 11.52 -9.31 13.48
CA ALA A 102 12.24 -10.38 12.75
C ALA A 102 13.64 -9.90 12.37
N ASN A 103 14.63 -10.77 12.48
CA ASN A 103 16.00 -10.60 11.93
C ASN A 103 16.38 -11.91 11.22
N SER A 104 17.65 -12.06 10.83
CA SER A 104 18.20 -13.24 10.10
C SER A 104 18.04 -14.51 10.96
N ASN A 105 18.07 -14.37 12.29
CA ASN A 105 18.08 -15.50 13.26
C ASN A 105 16.65 -16.02 13.49
N GLY A 106 15.62 -15.20 13.28
CA GLY A 106 14.22 -15.63 13.34
C GLY A 106 13.25 -14.52 13.74
N VAL A 107 11.99 -14.91 13.98
CA VAL A 107 10.87 -14.01 14.38
C VAL A 107 10.70 -14.11 15.90
N SER A 108 10.27 -13.02 16.55
CA SER A 108 9.99 -12.94 18.01
C SER A 108 8.84 -13.89 18.37
N ASP A 109 8.96 -14.58 19.51
CA ASP A 109 7.95 -15.54 20.03
C ASP A 109 6.65 -14.79 20.34
N ARG A 110 6.74 -13.61 20.95
CA ARG A 110 5.60 -12.76 21.38
C ARG A 110 5.42 -11.59 20.40
N ALA A 111 4.26 -10.94 20.45
CA ALA A 111 3.89 -9.76 19.63
C ALA A 111 3.50 -8.60 20.55
N ILE A 112 3.91 -7.37 20.18
CA ILE A 112 3.42 -6.11 20.82
C ILE A 112 2.05 -5.79 20.21
N THR A 113 1.00 -5.73 21.05
CA THR A 113 -0.36 -5.29 20.68
C THR A 113 -0.48 -3.79 20.98
N ARG A 114 -1.05 -3.01 20.05
CA ARG A 114 -1.26 -1.55 20.20
C ARG A 114 -2.70 -1.21 19.80
N ASN A 115 -3.45 -0.60 20.73
CA ASN A 115 -4.87 -0.17 20.56
C ASN A 115 -4.89 1.30 20.09
N PHE A 116 -5.81 1.64 19.19
CA PHE A 116 -6.05 3.02 18.70
C PHE A 116 -7.54 3.20 18.38
N HIS A 117 -8.02 4.45 18.46
CA HIS A 117 -9.44 4.84 18.30
C HIS A 117 -9.59 5.80 17.11
N ILE A 118 -10.53 5.52 16.21
CA ILE A 118 -10.93 6.41 15.08
C ILE A 118 -12.16 7.21 15.52
N ASP A 119 -12.04 8.54 15.56
CA ASP A 119 -13.07 9.47 16.12
C ASP A 119 -14.28 9.53 15.18
N LYS A 120 -14.06 9.66 13.87
CA LYS A 120 -15.11 10.00 12.87
C LYS A 120 -15.29 8.88 11.85
N THR A 121 -16.44 8.86 11.17
CA THR A 121 -16.80 7.94 10.05
C THR A 121 -16.95 8.78 8.77
N ILE A 122 -15.96 8.71 7.87
CA ILE A 122 -15.90 9.52 6.61
C ILE A 122 -16.80 8.89 5.56
N MET A 123 -18.05 9.39 5.45
CA MET A 123 -19.05 8.95 4.43
C MET A 123 -18.65 9.52 3.06
N THR A 124 -18.37 10.83 3.00
CA THR A 124 -17.96 11.56 1.78
C THR A 124 -16.48 11.95 1.89
N GLY A 125 -15.59 11.10 1.39
CA GLY A 125 -14.12 11.29 1.45
C GLY A 125 -13.62 12.12 0.28
N PHE A 126 -12.31 12.38 0.26
CA PHE A 126 -11.58 13.11 -0.82
C PHE A 126 -11.65 12.29 -2.11
N GLY A 127 -11.89 12.94 -3.25
CA GLY A 127 -12.06 12.30 -4.57
C GLY A 127 -10.76 12.25 -5.35
N GLY A 128 -9.65 12.70 -4.74
CA GLY A 128 -8.31 12.72 -5.36
C GLY A 128 -8.01 14.05 -6.01
N PHE A 129 -6.84 14.16 -6.65
CA PHE A 129 -6.37 15.36 -7.41
C PHE A 129 -6.83 15.23 -8.86
N ASP A 130 -6.62 16.28 -9.66
CA ASP A 130 -7.03 16.37 -11.09
C ASP A 130 -6.25 15.34 -11.90
N PRO A 131 -6.88 14.24 -12.38
CA PRO A 131 -6.19 13.25 -13.20
C PRO A 131 -5.65 13.89 -14.49
N GLU A 132 -6.52 14.62 -15.20
CA GLU A 132 -6.16 15.52 -16.32
C GLU A 132 -5.86 16.91 -15.75
N SER A 133 -4.56 17.25 -15.66
CA SER A 133 -4.07 18.54 -15.11
C SER A 133 -2.63 18.79 -15.59
N ASN A 134 -2.25 20.06 -15.78
CA ASN A 134 -0.93 20.49 -16.29
C ASN A 134 0.17 20.06 -15.30
N ASN A 136 -0.34 16.54 -13.48
CA ASN A 136 0.14 15.18 -13.08
C ASN A 136 1.45 14.87 -13.81
N ILE A 137 2.44 14.34 -13.08
CA ILE A 137 3.76 13.87 -13.63
C ILE A 137 3.56 12.52 -14.32
N TRP A 138 2.45 11.84 -14.04
CA TRP A 138 2.07 10.51 -14.60
C TRP A 138 1.82 10.62 -16.12
N ARG A 139 1.08 11.65 -16.53
CA ARG A 139 0.66 11.89 -17.94
C ARG A 139 1.89 12.14 -18.82
N THR A 140 2.93 12.79 -18.27
CA THR A 140 4.15 13.23 -18.99
C THR A 140 5.09 12.03 -19.22
N ALA A 141 5.39 11.28 -18.17
CA ALA A 141 6.48 10.27 -18.11
C ALA A 141 6.10 9.01 -18.89
N THR A 142 7.10 8.17 -19.20
CA THR A 142 6.97 6.88 -19.92
C THR A 142 6.52 5.79 -18.93
N ILE A 143 5.24 5.40 -19.00
CA ILE A 143 4.61 4.35 -18.12
C ILE A 143 4.76 3.00 -18.82
N SER A 144 5.59 2.10 -18.25
CA SER A 144 5.81 0.72 -18.75
C SER A 144 4.56 -0.12 -18.55
N GLU A 145 4.43 -1.22 -19.29
CA GLU A 145 3.32 -2.20 -19.16
C GLU A 145 3.43 -2.89 -17.80
N PRO A 146 2.31 -3.21 -17.13
CA PRO A 146 2.36 -3.89 -15.84
C PRO A 146 2.93 -5.30 -15.92
N THR A 147 3.96 -5.59 -15.10
CA THR A 147 4.44 -6.95 -14.78
C THR A 147 3.53 -7.52 -13.68
N PHE A 148 3.50 -8.84 -13.50
CA PHE A 148 2.68 -9.53 -12.47
C PHE A 148 3.50 -10.63 -11.79
N TRP A 149 3.25 -10.83 -10.49
CA TRP A 149 3.63 -12.05 -9.72
C TRP A 149 2.39 -12.56 -8.99
N TYR A 150 1.63 -13.43 -9.65
CA TYR A 150 0.31 -13.97 -9.22
C TYR A 150 0.52 -15.39 -8.71
N ALA A 151 0.54 -15.58 -7.39
CA ALA A 151 0.99 -16.82 -6.71
C ALA A 151 0.08 -17.16 -5.53
N PRO A 152 -1.09 -17.80 -5.76
CA PRO A 152 -1.84 -18.45 -4.68
C PRO A 152 -0.98 -19.52 -3.99
N GLY A 153 -0.99 -19.54 -2.65
CA GLY A 153 -0.16 -20.43 -1.82
C GLY A 153 1.33 -20.23 -2.07
N TRP A 154 1.71 -19.05 -2.54
CA TRP A 154 3.11 -18.64 -2.88
C TRP A 154 3.67 -19.51 -4.01
N SER A 155 2.80 -20.04 -4.87
CA SER A 155 3.15 -20.85 -6.08
C SER A 155 2.68 -20.08 -7.32
N GLN A 156 3.62 -19.48 -8.06
CA GLN A 156 3.33 -18.55 -9.19
C GLN A 156 2.59 -19.30 -10.30
N ILE A 157 1.45 -18.75 -10.74
CA ILE A 157 0.67 -19.20 -11.93
C ILE A 157 0.85 -18.14 -13.03
N ALA A 158 0.17 -18.32 -14.17
CA ALA A 158 0.22 -17.39 -15.33
C ALA A 158 -0.26 -16.00 -14.91
N ASP A 159 0.30 -14.94 -15.52
CA ASP A 159 -0.08 -13.53 -15.29
C ASP A 159 -1.57 -13.37 -15.61
N PRO A 160 -2.36 -12.65 -14.77
CA PRO A 160 -3.76 -12.42 -15.06
C PRO A 160 -3.95 -11.43 -16.23
N ALA A 161 -5.05 -11.57 -16.97
CA ALA A 161 -5.42 -10.70 -18.11
C ALA A 161 -5.69 -9.28 -17.61
N TYR A 162 -5.15 -8.27 -18.31
CA TYR A 162 -5.33 -6.83 -17.99
C TYR A 162 -5.62 -6.04 -19.27
N SER A 163 -6.10 -4.80 -19.12
CA SER A 163 -6.55 -3.91 -20.21
C SER A 163 -6.34 -2.44 -19.82
N LEU A 164 -5.20 -1.86 -20.19
CA LEU A 164 -4.90 -0.41 -20.02
C LEU A 164 -5.55 0.35 -21.18
N VAL A 165 -6.67 1.04 -20.91
CA VAL A 165 -7.47 1.80 -21.93
C VAL A 165 -7.72 3.23 -21.42
N ASN A 166 -6.92 4.18 -21.90
CA ASN A 166 -7.05 5.65 -21.63
C ASN A 166 -6.79 5.92 -20.14
N GLY A 167 -5.72 5.34 -19.59
CA GLY A 167 -5.28 5.54 -18.20
C GLY A 167 -5.84 4.50 -17.24
N THR A 168 -7.06 4.01 -17.50
CA THR A 168 -7.78 3.02 -16.66
C THR A 168 -7.15 1.63 -16.82
N TYR A 169 -6.48 1.14 -15.77
CA TYR A 169 -6.00 -0.27 -15.64
C TYR A 169 -7.17 -1.15 -15.18
N THR A 170 -7.45 -2.23 -15.93
CA THR A 170 -8.52 -3.23 -15.63
C THR A 170 -7.86 -4.61 -15.52
N VAL A 171 -7.88 -5.21 -14.33
CA VAL A 171 -7.22 -6.53 -14.02
C VAL A 171 -8.31 -7.52 -13.59
N THR A 172 -8.14 -8.79 -13.94
CA THR A 172 -9.09 -9.90 -13.68
C THR A 172 -8.34 -11.04 -12.98
N LEU A 173 -8.82 -11.49 -11.81
CA LEU A 173 -8.14 -12.48 -10.92
C LEU A 173 -9.01 -13.73 -10.81
N PRO A 174 -8.84 -14.72 -11.72
CA PRO A 174 -9.55 -16.00 -11.62
C PRO A 174 -9.38 -16.72 -10.27
N GLU A 175 -8.12 -16.98 -9.87
CA GLU A 175 -7.77 -17.78 -8.67
C GLU A 175 -7.80 -16.88 -7.42
N ALA A 176 -8.21 -17.44 -6.28
CA ALA A 176 -8.24 -16.76 -4.96
C ALA A 176 -6.84 -16.83 -4.32
N THR A 177 -6.41 -15.75 -3.67
CA THR A 177 -5.17 -15.66 -2.86
C THR A 177 -5.58 -15.30 -1.42
N SER A 178 -4.73 -15.65 -0.43
CA SER A 178 -5.04 -15.56 1.02
C SER A 178 -4.06 -14.64 1.77
N GLU A 179 -2.98 -14.17 1.12
CA GLU A 179 -1.89 -13.40 1.77
C GLU A 179 -1.46 -12.22 0.90
N THR A 180 -0.97 -11.15 1.52
CA THR A 180 -0.38 -9.95 0.86
C THR A 180 0.91 -10.37 0.13
N TRP A 181 1.09 -9.87 -1.09
CA TRP A 181 2.25 -10.09 -2.00
C TRP A 181 2.08 -11.39 -2.81
N GLN A 182 0.86 -11.90 -2.92
CA GLN A 182 0.51 -13.12 -3.70
C GLN A 182 -0.17 -12.72 -5.03
N ALA A 183 -0.26 -11.43 -5.33
CA ALA A 183 -0.85 -10.89 -6.58
C ALA A 183 -0.29 -9.49 -6.86
N GLN A 184 1.01 -9.42 -7.14
CA GLN A 184 1.79 -8.16 -7.29
C GLN A 184 1.59 -7.61 -8.71
N MET A 185 1.61 -6.28 -8.86
CA MET A 185 1.46 -5.57 -10.16
C MET A 185 2.39 -4.36 -10.17
N PRO A 186 3.72 -4.57 -10.30
CA PRO A 186 4.68 -3.47 -10.39
C PRO A 186 4.63 -2.76 -11.76
N ILE A 187 4.44 -1.44 -11.75
CA ILE A 187 4.48 -0.55 -12.95
C ILE A 187 5.76 0.27 -12.92
N LYS A 188 6.71 -0.04 -13.81
CA LYS A 188 7.99 0.71 -13.98
C LYS A 188 7.69 2.05 -14.66
N THR A 189 8.33 3.13 -14.20
CA THR A 189 8.26 4.49 -14.79
C THR A 189 9.68 5.06 -14.91
N ASN A 190 9.85 6.13 -15.69
CA ASN A 190 11.13 6.87 -15.84
C ASN A 190 11.06 8.17 -15.04
N ILE A 191 10.12 8.27 -14.08
CA ILE A 191 9.91 9.47 -13.23
C ILE A 191 11.04 9.55 -12.20
N ALA A 192 11.77 10.67 -12.19
CA ALA A 192 12.76 11.03 -11.15
C ALA A 192 12.11 12.04 -10.18
N THR A 193 12.57 12.05 -8.93
CA THR A 193 12.15 13.00 -7.86
C THR A 193 13.39 13.57 -7.17
N ASP A 194 13.27 14.77 -6.60
CA ASP A 194 14.36 15.51 -5.92
C ASP A 194 14.00 15.69 -4.44
N ALA A 195 15.03 15.82 -3.58
CA ALA A 195 14.90 16.11 -2.13
C ALA A 195 14.35 17.52 -1.92
N GLY A 196 14.55 18.41 -2.90
CA GLY A 196 14.17 19.84 -2.84
C GLY A 196 12.67 20.06 -2.77
N LYS A 197 11.87 19.18 -3.41
CA LYS A 197 10.41 19.37 -3.61
C LYS A 197 9.60 18.48 -2.66
N ASN A 198 8.30 18.78 -2.53
CA ASN A 198 7.29 17.94 -1.83
C ASN A 198 6.19 17.58 -2.83
N TYR A 199 5.71 16.32 -2.80
CA TYR A 199 4.83 15.73 -3.83
C TYR A 199 3.48 15.32 -3.23
N ASP A 200 2.43 15.35 -4.06
CA ASP A 200 1.07 14.83 -3.75
C ASP A 200 0.79 13.64 -4.67
N PHE A 201 -0.03 12.70 -4.22
CA PHE A 201 -0.40 11.46 -4.97
C PHE A 201 -1.85 11.08 -4.65
N SER A 202 -2.57 10.57 -5.67
CA SER A 202 -3.94 9.99 -5.55
C SER A 202 -4.14 8.88 -6.57
N VAL A 203 -5.10 7.98 -6.31
CA VAL A 203 -5.48 6.85 -7.21
C VAL A 203 -6.84 6.31 -6.75
N ILE A 204 -7.75 6.02 -7.69
CA ILE A 204 -9.09 5.44 -7.44
C ILE A 204 -9.02 3.93 -7.68
N LEU A 205 -9.42 3.12 -6.69
CA LEU A 205 -9.39 1.63 -6.73
C LEU A 205 -10.81 1.09 -6.54
N THR A 206 -11.24 0.17 -7.41
CA THR A 206 -12.58 -0.48 -7.38
C THR A 206 -12.41 -2.00 -7.54
N SER A 207 -13.21 -2.78 -6.81
CA SER A 207 -13.23 -4.27 -6.82
C SER A 207 -14.68 -4.75 -6.91
N THR A 208 -14.95 -5.75 -7.77
CA THR A 208 -16.30 -6.32 -8.01
C THR A 208 -16.72 -7.20 -6.82
N ILE A 209 -15.76 -7.67 -6.02
CA ILE A 209 -16.01 -8.46 -4.77
C ILE A 209 -15.26 -7.78 -3.61
N ASP A 210 -15.77 -7.96 -2.38
CA ASP A 210 -15.14 -7.46 -1.13
C ASP A 210 -13.68 -7.91 -1.07
N HIS A 211 -12.76 -6.98 -0.81
CA HIS A 211 -11.30 -7.21 -0.70
C HIS A 211 -10.81 -6.64 0.64
N PRO A 212 -10.10 -7.45 1.47
CA PRO A 212 -9.72 -7.01 2.81
C PRO A 212 -8.52 -6.03 2.86
N ASN A 213 -7.59 -6.14 1.90
CA ASN A 213 -6.30 -5.39 1.92
C ASN A 213 -5.69 -5.34 0.52
N VAL A 214 -5.90 -4.23 -0.21
CA VAL A 214 -5.18 -3.89 -1.47
C VAL A 214 -4.05 -2.90 -1.11
N THR A 215 -2.84 -3.14 -1.63
CA THR A 215 -1.61 -2.34 -1.33
C THR A 215 -1.31 -1.41 -2.51
N VAL A 216 -0.85 -0.20 -2.21
CA VAL A 216 -0.28 0.79 -3.20
C VAL A 216 1.05 1.28 -2.64
N LYS A 217 2.14 1.08 -3.38
CA LYS A 217 3.52 1.48 -2.96
C LYS A 217 4.21 2.26 -4.08
N LEU A 218 4.64 3.49 -3.79
CA LEU A 218 5.45 4.36 -4.67
C LEU A 218 6.91 4.27 -4.22
N VAL A 219 7.70 3.42 -4.89
CA VAL A 219 9.03 2.93 -4.40
C VAL A 219 10.11 3.25 -5.43
N ASP A 220 11.34 3.46 -4.97
CA ASP A 220 12.57 3.55 -5.81
C ASP A 220 12.76 2.20 -6.50
N ALA A 221 12.90 2.21 -7.83
CA ALA A 221 13.08 1.00 -8.68
C ALA A 221 14.37 0.26 -8.31
N THR A 222 15.37 0.99 -7.79
CA THR A 222 16.70 0.47 -7.40
C THR A 222 16.66 -0.09 -5.97
N GLU A 223 16.02 0.63 -5.04
CA GLU A 223 16.03 0.33 -3.58
C GLU A 223 14.59 0.16 -3.06
N ASP A 224 14.27 -1.02 -2.51
CA ASP A 224 12.92 -1.40 -2.05
C ASP A 224 12.60 -0.67 -0.74
N LYS A 225 13.61 -0.38 0.09
CA LYS A 225 13.47 0.25 1.43
C LYS A 225 13.13 1.74 1.28
N ILE A 226 13.44 2.35 0.14
CA ILE A 226 13.17 3.79 -0.17
C ILE A 226 11.83 3.91 -0.89
N TYR A 227 10.82 4.47 -0.22
CA TYR A 227 9.45 4.68 -0.76
C TYR A 227 8.76 5.83 -0.01
N TYR A 228 7.76 6.43 -0.65
CA TYR A 228 6.96 7.58 -0.13
C TYR A 228 5.87 7.06 0.82
N PHE A 229 5.28 5.90 0.49
CA PHE A 229 4.22 5.23 1.29
C PHE A 229 4.06 3.78 0.82
N GLU A 230 3.58 2.92 1.72
CA GLU A 230 3.05 1.58 1.39
C GLU A 230 1.60 1.52 1.88
N GLY A 231 0.66 1.92 1.02
CA GLY A 231 -0.77 2.10 1.34
C GLY A 231 -1.47 0.78 1.59
N LYS A 232 -2.53 0.81 2.42
CA LYS A 232 -3.42 -0.34 2.70
C LYS A 232 -4.86 0.19 2.79
N THR A 233 -5.82 -0.51 2.18
CA THR A 233 -7.26 -0.14 2.20
C THR A 233 -8.12 -1.36 1.88
N PRO A 234 -9.14 -1.68 2.71
CA PRO A 234 -10.17 -2.64 2.33
C PRO A 234 -11.09 -2.03 1.28
N LEU A 235 -11.64 -2.86 0.38
CA LEU A 235 -12.61 -2.45 -0.67
C LEU A 235 -13.89 -3.28 -0.53
N VAL A 236 -15.04 -2.62 -0.43
CA VAL A 236 -16.39 -3.26 -0.50
C VAL A 236 -16.85 -3.24 -1.96
N ALA A 237 -17.60 -4.27 -2.38
CA ALA A 237 -17.96 -4.57 -3.78
C ALA A 237 -18.49 -3.32 -4.50
N ASN A 238 -17.80 -2.91 -5.57
CA ASN A 238 -18.24 -1.85 -6.53
C ASN A 238 -18.45 -0.52 -5.78
N GLU A 239 -17.53 -0.15 -4.91
CA GLU A 239 -17.51 1.17 -4.21
C GLU A 239 -16.11 1.77 -4.34
N PRO A 240 -15.88 2.67 -5.32
CA PRO A 240 -14.58 3.31 -5.52
C PRO A 240 -14.04 4.02 -4.28
N VAL A 241 -12.88 3.57 -3.77
CA VAL A 241 -12.09 4.25 -2.71
C VAL A 241 -10.95 5.01 -3.38
N CYS A 242 -10.69 6.24 -2.93
CA CYS A 242 -9.53 7.08 -3.33
C CYS A 242 -8.43 6.96 -2.27
N PHE A 243 -7.28 6.37 -2.63
CA PHE A 243 -6.04 6.40 -1.81
C PHE A 243 -5.22 7.62 -2.22
N TRP A 244 -4.75 8.40 -1.23
CA TRP A 244 -4.02 9.67 -1.45
C TRP A 244 -3.12 10.00 -0.25
N LYS A 245 -2.09 10.81 -0.48
CA LYS A 245 -1.21 11.40 0.56
C LYS A 245 -0.77 12.79 0.08
N SER A 246 -0.79 13.80 0.97
CA SER A 246 -0.49 15.21 0.67
C SER A 246 0.86 15.61 1.29
N ASN A 247 1.63 16.43 0.58
CA ASN A 247 2.83 17.15 1.10
C ASN A 247 3.87 16.12 1.57
N MET A 248 4.24 15.19 0.69
CA MET A 248 5.20 14.09 0.99
C MET A 248 6.63 14.59 0.81
N PRO A 249 7.47 14.58 1.86
CA PRO A 249 8.88 14.96 1.73
C PRO A 249 9.58 14.23 0.58
N GLY A 250 10.21 15.00 -0.33
CA GLY A 250 10.86 14.50 -1.55
C GLY A 250 12.06 13.63 -1.26
N LEU A 251 12.36 12.69 -2.17
CA LEU A 251 13.51 11.74 -2.08
C LEU A 251 14.28 11.78 -3.42
N ASP A 252 15.61 11.72 -3.36
CA ASP A 252 16.49 11.63 -4.55
C ASP A 252 16.35 10.22 -5.15
N ILE A 253 15.41 10.04 -6.08
CA ILE A 253 15.13 8.76 -6.80
C ILE A 253 15.22 9.03 -8.31
N ALA A 254 16.01 8.23 -9.02
CA ALA A 254 16.23 8.32 -10.48
C ALA A 254 15.01 7.80 -11.23
N ASN A 255 14.41 6.70 -10.75
CA ASN A 255 13.26 6.01 -11.39
C ASN A 255 12.32 5.46 -10.30
N LEU A 256 11.03 5.81 -10.37
CA LEU A 256 9.97 5.31 -9.45
C LEU A 256 9.27 4.12 -10.10
N ASN A 257 8.77 3.20 -9.26
CA ASN A 257 7.82 2.11 -9.65
C ASN A 257 6.55 2.27 -8.79
N LEU A 258 5.38 2.20 -9.42
CA LEU A 258 4.07 2.15 -8.70
C LEU A 258 3.63 0.69 -8.63
N VAL A 259 3.64 0.11 -7.41
CA VAL A 259 3.42 -1.34 -7.17
C VAL A 259 2.08 -1.51 -6.45
N PHE A 260 1.11 -2.15 -7.12
CA PHE A 260 -0.17 -2.60 -6.54
C PHE A 260 -0.05 -4.08 -6.14
N ASP A 261 -0.82 -4.49 -5.14
CA ASP A 261 -0.97 -5.91 -4.74
C ASP A 261 -2.44 -6.18 -4.37
N PHE A 262 -2.97 -7.32 -4.82
CA PHE A 262 -4.37 -7.74 -4.61
C PHE A 262 -4.37 -9.08 -3.85
N GLY A 263 -3.40 -9.26 -2.95
CA GLY A 263 -3.27 -10.44 -2.08
C GLY A 263 -4.40 -10.51 -1.08
N GLY A 264 -5.15 -11.61 -1.06
CA GLY A 264 -6.36 -11.79 -0.24
C GLY A 264 -7.63 -11.73 -1.06
N ASN A 265 -7.52 -11.50 -2.37
CA ASN A 265 -8.66 -11.41 -3.33
C ASN A 265 -9.43 -12.73 -3.33
N ALA A 266 -10.77 -12.67 -3.35
CA ALA A 266 -11.67 -13.82 -3.57
C ALA A 266 -11.63 -14.19 -5.05
N ALA A 267 -11.97 -15.45 -5.38
CA ALA A 267 -11.95 -16.00 -6.75
C ALA A 267 -12.94 -15.24 -7.64
N GLY A 268 -12.49 -14.80 -8.82
CA GLY A 268 -13.32 -14.10 -9.83
C GLY A 268 -13.37 -12.60 -9.59
N THR A 269 -12.49 -12.07 -8.73
CA THR A 269 -12.35 -10.62 -8.43
C THR A 269 -11.84 -9.90 -9.69
N VAL A 270 -12.52 -8.81 -10.09
CA VAL A 270 -12.06 -7.87 -11.15
C VAL A 270 -11.67 -6.55 -10.48
N MET A 271 -10.42 -6.12 -10.68
CA MET A 271 -9.86 -4.87 -10.10
C MET A 271 -9.86 -3.76 -11.17
N THR A 272 -10.13 -2.52 -10.74
CA THR A 272 -10.15 -1.30 -11.61
C THR A 272 -9.30 -0.21 -10.97
N ILE A 273 -8.18 0.14 -11.59
CA ILE A 273 -7.26 1.25 -11.20
C ILE A 273 -7.41 2.38 -12.23
N GLU A 274 -7.72 3.59 -11.78
CA GLU A 274 -7.98 4.78 -12.65
C GLU A 274 -7.66 6.06 -11.88
N SER A 275 -7.38 7.15 -12.60
CA SER A 275 -7.13 8.51 -12.07
C SER A 275 -5.86 8.51 -11.19
N ILE A 276 -4.74 8.07 -11.76
CA ILE A 276 -3.40 8.06 -11.07
C ILE A 276 -2.78 9.46 -11.24
N VAL A 277 -2.81 10.27 -10.17
CA VAL A 277 -2.26 11.66 -10.13
C VAL A 277 -1.01 11.67 -9.25
N LEU A 278 0.11 12.18 -9.79
CA LEU A 278 1.36 12.50 -9.05
C LEU A 278 1.82 13.90 -9.44
N LYS A 279 1.75 14.86 -8.51
CA LYS A 279 2.03 16.30 -8.75
C LYS A 279 2.92 16.86 -7.64
N ASP A 280 3.62 17.97 -7.93
CA ASP A 280 4.35 18.80 -6.94
C ASP A 280 3.32 19.55 -6.09
N HIS A 281 3.56 19.66 -4.78
CA HIS A 281 2.65 20.29 -3.79
C HIS A 281 2.72 21.81 -3.90
#